data_5LFE
#
_entry.id   5LFE
#
_cell.length_a   63.830
_cell.length_b   55.420
_cell.length_c   87.100
_cell.angle_alpha   90.000
_cell.angle_beta   99.380
_cell.angle_gamma   90.000
#
_symmetry.space_group_name_H-M   'P 1 21 1'
#
loop_
_entity.id
_entity.type
_entity.pdbx_description
1 polymer VP1
2 branched alpha-L-fucopyranose-(1-2)-[alpha-D-galactopyranose-(1-3)]alpha-D-galactopyranose
3 water water
#
_entity_poly.entity_id   1
_entity_poly.type   'polypeptide(L)'
_entity_poly.pdbx_seq_one_letter_code
;PGSKPFSVPVLTVEEMTNSRFPIPLEKLFTGPSSAFVVQPQNGRCTTDGVLLGTTQLSPVNICTFRGDVTHITGSRNYTM
NLASQNWNNYDPTEEIPAPLGAPDFVGKIQGMLTQTTRADGSTRGHKATVYTGSADFAPKLGRVQFETDTDHDFEANQNT
KFTPVGVIQDGSTTHRNEPQQWVLPSYSGRNTHNVHLAPAVAPTFPGEQLLFFRSTMPGCSGYPNMDLDCLLPQEWVQYF
YQEAAPAQSDVALLRFVNPDTGRVLFECKLHKSGYVTVAHTGQHDLVIPPNGYFRFDSWVNQFYTLAPM
;
_entity_poly.pdbx_strand_id   A,B
#
loop_
_chem_comp.id
_chem_comp.type
_chem_comp.name
_chem_comp.formula
FUC L-saccharide, alpha linking alpha-L-fucopyranose 'C6 H12 O5'
GLA D-saccharide, alpha linking alpha-D-galactopyranose 'C6 H12 O6'
#
# COMPACT_ATOMS: atom_id res chain seq x y z
N PRO A 1 -22.14 27.72 -9.89
CA PRO A 1 -21.46 28.52 -8.86
C PRO A 1 -21.85 28.12 -7.44
N GLY A 2 -20.90 28.26 -6.52
CA GLY A 2 -21.13 27.87 -5.14
C GLY A 2 -20.90 26.38 -4.92
N SER A 3 -20.35 25.73 -5.95
CA SER A 3 -20.06 24.30 -5.89
C SER A 3 -19.12 23.96 -4.73
N LYS A 4 -19.05 22.68 -4.38
CA LYS A 4 -18.25 22.24 -3.24
C LYS A 4 -16.79 22.66 -3.39
N PRO A 5 -16.22 23.33 -2.35
CA PRO A 5 -14.89 23.91 -2.53
C PRO A 5 -13.77 22.87 -2.67
N PHE A 6 -13.01 22.99 -3.76
CA PHE A 6 -11.91 22.09 -4.05
C PHE A 6 -10.79 22.27 -3.03
N SER A 7 -10.10 21.17 -2.73
CA SER A 7 -8.94 21.24 -1.85
C SER A 7 -8.02 20.05 -2.07
N VAL A 8 -6.81 20.15 -1.52
CA VAL A 8 -5.88 19.04 -1.44
C VAL A 8 -5.63 18.69 0.02
N PRO A 9 -5.30 17.41 0.29
CA PRO A 9 -5.13 16.99 1.69
C PRO A 9 -3.90 17.61 2.36
N VAL A 10 -3.98 17.77 3.67
CA VAL A 10 -2.84 18.23 4.46
C VAL A 10 -1.97 17.01 4.75
N LEU A 11 -1.20 16.62 3.75
CA LEU A 11 -0.25 15.52 3.89
C LEU A 11 1.13 15.92 3.40
N THR A 12 2.14 15.61 4.20
CA THR A 12 3.51 15.83 3.79
C THR A 12 3.86 14.87 2.67
N VAL A 13 4.91 15.19 1.93
CA VAL A 13 5.41 14.33 0.87
C VAL A 13 5.75 12.96 1.47
N GLU A 14 6.44 12.99 2.61
CA GLU A 14 6.88 11.76 3.28
C GLU A 14 5.72 10.92 3.80
N GLU A 15 4.62 11.57 4.17
CA GLU A 15 3.43 10.86 4.64
C GLU A 15 2.64 10.18 3.54
N MET A 16 3.00 10.45 2.29
CA MET A 16 2.23 9.96 1.15
C MET A 16 2.94 8.84 0.40
N THR A 17 2.25 8.29 -0.60
CA THR A 17 2.65 7.07 -1.29
C THR A 17 2.76 7.31 -2.80
N ASN A 18 3.71 6.62 -3.44
CA ASN A 18 3.78 6.63 -4.90
C ASN A 18 2.57 5.92 -5.50
N SER A 19 2.03 6.51 -6.57
CA SER A 19 0.85 5.97 -7.24
C SER A 19 1.18 5.00 -8.36
N ARG A 20 2.46 4.80 -8.64
CA ARG A 20 2.90 3.92 -9.73
C ARG A 20 3.66 2.69 -9.19
N PHE A 21 3.93 2.67 -7.89
CA PHE A 21 4.57 1.54 -7.24
C PHE A 21 4.26 1.57 -5.74
N PRO A 22 4.05 0.40 -5.12
CA PRO A 22 3.65 0.39 -3.72
C PRO A 22 4.80 0.74 -2.76
N ILE A 23 5.26 1.98 -2.84
CA ILE A 23 6.32 2.50 -1.97
C ILE A 23 6.04 3.96 -1.60
N PRO A 24 6.62 4.42 -0.48
CA PRO A 24 6.38 5.81 -0.07
C PRO A 24 7.04 6.85 -0.98
N LEU A 25 6.45 8.04 -1.02
CA LEU A 25 7.07 9.18 -1.67
C LEU A 25 8.28 9.63 -0.86
N GLU A 26 9.33 10.07 -1.54
CA GLU A 26 10.55 10.53 -0.88
C GLU A 26 10.84 12.01 -1.12
N LYS A 27 10.60 12.48 -2.34
CA LYS A 27 11.04 13.81 -2.74
C LYS A 27 10.20 14.40 -3.86
N LEU A 28 10.44 15.69 -4.11
CA LEU A 28 9.84 16.40 -5.23
C LEU A 28 10.95 16.77 -6.21
N PHE A 29 10.70 16.53 -7.49
CA PHE A 29 11.69 16.74 -8.53
C PHE A 29 11.04 17.42 -9.73
N THR A 30 11.77 18.34 -10.35
CA THR A 30 11.32 18.94 -11.61
C THR A 30 12.46 18.88 -12.62
N GLY A 31 12.10 18.66 -13.87
CA GLY A 31 13.06 18.64 -14.96
C GLY A 31 12.35 18.74 -16.29
N PRO A 32 13.11 18.90 -17.38
CA PRO A 32 12.49 18.95 -18.71
C PRO A 32 11.97 17.59 -19.14
N SER A 33 10.87 17.57 -19.89
CA SER A 33 10.25 16.33 -20.32
C SER A 33 9.85 16.37 -21.79
N SER A 34 10.44 17.31 -22.53
CA SER A 34 10.16 17.42 -23.97
C SER A 34 10.80 16.28 -24.77
N ALA A 35 11.89 15.71 -24.25
CA ALA A 35 12.61 14.65 -24.93
C ALA A 35 11.85 13.32 -24.93
N PHE A 36 10.91 13.17 -23.99
CA PHE A 36 10.12 11.95 -23.89
C PHE A 36 8.63 12.23 -23.70
N VAL A 37 7.84 11.17 -23.73
CA VAL A 37 6.40 11.27 -23.50
C VAL A 37 6.07 10.87 -22.07
N VAL A 38 5.32 11.74 -21.41
CA VAL A 38 4.86 11.48 -20.06
C VAL A 38 3.40 11.02 -20.15
N GLN A 39 3.21 9.71 -20.14
CA GLN A 39 1.89 9.13 -20.30
C GLN A 39 1.67 7.96 -19.36
N PRO A 40 1.95 8.15 -18.05
CA PRO A 40 1.68 7.07 -17.10
C PRO A 40 0.19 6.77 -17.00
N GLN A 41 -0.16 5.50 -16.80
CA GLN A 41 -1.56 5.10 -16.71
C GLN A 41 -1.99 4.94 -15.25
N ASN A 42 -1.00 4.71 -14.37
CA ASN A 42 -1.24 4.74 -12.94
C ASN A 42 -1.07 6.15 -12.40
N GLY A 43 -1.74 6.44 -11.29
CA GLY A 43 -1.69 7.77 -10.71
C GLY A 43 -2.30 8.84 -11.60
N ARG A 44 -3.34 8.46 -12.34
CA ARG A 44 -4.09 9.39 -13.18
C ARG A 44 -5.51 9.58 -12.65
N CYS A 45 -5.83 10.82 -12.32
CA CYS A 45 -7.14 11.18 -11.80
C CYS A 45 -7.39 12.66 -12.06
N THR A 46 -8.60 12.99 -12.50
CA THR A 46 -8.98 14.39 -12.60
C THR A 46 -9.18 14.91 -11.19
N THR A 47 -9.05 16.23 -11.04
CA THR A 47 -9.23 16.87 -9.74
C THR A 47 -10.66 16.72 -9.23
N ASP A 48 -11.60 16.42 -10.14
CA ASP A 48 -12.98 16.20 -9.75
C ASP A 48 -13.27 14.72 -9.45
N GLY A 49 -12.20 13.93 -9.34
CA GLY A 49 -12.30 12.56 -8.86
C GLY A 49 -12.70 11.49 -9.87
N VAL A 50 -12.39 11.71 -11.15
CA VAL A 50 -12.63 10.70 -12.18
C VAL A 50 -11.34 9.93 -12.44
N LEU A 51 -11.35 8.63 -12.12
CA LEU A 51 -10.18 7.77 -12.34
C LEU A 51 -9.91 7.57 -13.83
N LEU A 52 -8.62 7.61 -14.19
CA LEU A 52 -8.20 7.48 -15.58
C LEU A 52 -7.18 6.36 -15.74
N GLY A 53 -7.00 5.89 -16.98
CA GLY A 53 -6.03 4.86 -17.28
C GLY A 53 -6.26 3.54 -16.56
N THR A 54 -5.20 3.05 -15.89
CA THR A 54 -5.27 1.80 -15.15
C THR A 54 -5.38 2.05 -13.65
N THR A 55 -5.69 3.29 -13.29
CA THR A 55 -5.65 3.72 -11.89
C THR A 55 -6.78 3.13 -11.05
N GLN A 56 -6.42 2.72 -9.84
CA GLN A 56 -7.39 2.28 -8.85
C GLN A 56 -6.94 2.75 -7.46
N LEU A 57 -7.83 2.64 -6.49
CA LEU A 57 -7.67 3.32 -5.21
C LEU A 57 -6.64 2.74 -4.24
N SER A 58 -6.47 1.42 -4.27
CA SER A 58 -5.59 0.75 -3.31
C SER A 58 -4.12 0.82 -3.76
N PRO A 59 -3.26 1.44 -2.94
CA PRO A 59 -1.82 1.47 -3.27
C PRO A 59 -1.16 0.08 -3.30
N VAL A 60 -1.54 -0.80 -2.38
CA VAL A 60 -0.93 -2.13 -2.28
C VAL A 60 -1.18 -2.99 -3.52
N ASN A 61 -2.24 -2.69 -4.25
CA ASN A 61 -2.61 -3.42 -5.46
C ASN A 61 -1.75 -3.09 -6.68
N ILE A 62 -1.02 -1.98 -6.63
CA ILE A 62 -0.22 -1.54 -7.77
C ILE A 62 0.90 -2.52 -8.10
N CYS A 63 0.96 -2.92 -9.37
CA CYS A 63 1.98 -3.84 -9.89
C CYS A 63 1.85 -5.24 -9.28
N THR A 64 0.64 -5.60 -8.85
CA THR A 64 0.35 -6.96 -8.43
C THR A 64 -0.38 -7.71 -9.54
N PHE A 65 -0.29 -9.03 -9.50
CA PHE A 65 -0.99 -9.90 -10.44
C PHE A 65 -1.63 -11.08 -9.70
N ARG A 66 -2.76 -11.54 -10.21
CA ARG A 66 -3.48 -12.66 -9.60
C ARG A 66 -3.98 -13.62 -10.67
N GLY A 67 -4.03 -14.90 -10.34
CA GLY A 67 -4.51 -15.91 -11.25
C GLY A 67 -4.00 -17.30 -10.90
N ASP A 68 -4.00 -18.17 -11.91
CA ASP A 68 -3.40 -19.50 -11.79
C ASP A 68 -2.25 -19.59 -12.77
N VAL A 69 -1.35 -20.54 -12.55
CA VAL A 69 -0.11 -20.60 -13.32
C VAL A 69 0.10 -21.95 -14.00
N THR A 70 0.73 -21.89 -15.17
CA THR A 70 1.06 -23.08 -15.95
C THR A 70 2.56 -23.15 -16.17
N HIS A 71 3.15 -24.26 -15.75
CA HIS A 71 4.58 -24.45 -15.89
C HIS A 71 5.00 -24.65 -17.34
N ILE A 72 6.12 -24.04 -17.71
CA ILE A 72 6.77 -24.31 -18.99
C ILE A 72 7.82 -25.37 -18.68
N THR A 73 7.59 -26.59 -19.19
CA THR A 73 8.41 -27.72 -18.79
C THR A 73 9.87 -27.48 -19.14
N GLY A 74 10.77 -27.98 -18.29
CA GLY A 74 12.19 -27.80 -18.52
C GLY A 74 12.63 -26.36 -18.33
N SER A 75 11.92 -25.63 -17.48
CA SER A 75 12.28 -24.24 -17.18
C SER A 75 11.77 -23.83 -15.81
N ARG A 76 12.24 -22.68 -15.35
CA ARG A 76 11.76 -22.11 -14.09
C ARG A 76 10.80 -20.96 -14.39
N ASN A 77 10.25 -20.97 -15.60
CA ASN A 77 9.35 -19.92 -16.04
C ASN A 77 7.91 -20.40 -16.03
N TYR A 78 7.01 -19.53 -15.55
CA TYR A 78 5.58 -19.86 -15.49
C TYR A 78 4.74 -18.81 -16.18
N THR A 79 3.73 -19.28 -16.91
CA THR A 79 2.72 -18.42 -17.48
C THR A 79 1.57 -18.29 -16.50
N MET A 80 1.10 -17.07 -16.28
CA MET A 80 -0.07 -16.82 -15.45
C MET A 80 -1.24 -16.38 -16.32
N ASN A 81 -2.35 -17.10 -16.24
CA ASN A 81 -3.58 -16.65 -16.85
C ASN A 81 -4.34 -15.83 -15.82
N LEU A 82 -4.41 -14.52 -16.05
CA LEU A 82 -4.88 -13.58 -15.03
C LEU A 82 -6.33 -13.80 -14.63
N ALA A 83 -6.58 -13.68 -13.33
CA ALA A 83 -7.92 -13.60 -12.78
C ALA A 83 -8.16 -12.16 -12.34
N SER A 84 -9.38 -11.85 -11.93
CA SER A 84 -9.70 -10.53 -11.41
C SER A 84 -9.09 -10.34 -10.03
N GLN A 85 -9.09 -9.10 -9.54
CA GLN A 85 -8.48 -8.77 -8.25
C GLN A 85 -9.13 -9.54 -7.10
N ASN A 86 -10.44 -9.78 -7.20
CA ASN A 86 -11.17 -10.50 -6.16
C ASN A 86 -11.25 -12.00 -6.45
N TRP A 87 -10.35 -12.47 -7.32
CA TRP A 87 -10.20 -13.88 -7.68
C TRP A 87 -11.34 -14.42 -8.58
N ASN A 88 -12.10 -13.52 -9.20
CA ASN A 88 -13.09 -13.92 -10.18
C ASN A 88 -12.45 -13.97 -11.57
N ASN A 89 -13.22 -14.39 -12.56
CA ASN A 89 -12.71 -14.43 -13.93
C ASN A 89 -12.29 -13.05 -14.39
N TYR A 90 -11.24 -12.99 -15.19
CA TYR A 90 -10.81 -11.73 -15.77
C TYR A 90 -11.71 -11.41 -16.95
N ASP A 91 -12.07 -10.13 -17.08
CA ASP A 91 -12.89 -9.66 -18.18
C ASP A 91 -12.09 -8.73 -19.11
N PRO A 92 -11.88 -9.15 -20.38
CA PRO A 92 -11.07 -8.33 -21.28
C PRO A 92 -11.90 -7.38 -22.15
N THR A 93 -13.20 -7.28 -21.89
CA THR A 93 -14.08 -6.38 -22.63
C THR A 93 -14.22 -5.03 -21.93
N GLU A 94 -13.62 -4.92 -20.75
CA GLU A 94 -13.63 -3.68 -19.99
C GLU A 94 -12.96 -2.56 -20.81
N GLU A 95 -13.53 -1.36 -20.78
CA GLU A 95 -12.99 -0.25 -21.57
C GLU A 95 -11.81 0.38 -20.83
N ILE A 96 -10.79 -0.45 -20.58
CA ILE A 96 -9.58 0.00 -19.92
C ILE A 96 -8.35 -0.57 -20.65
N PRO A 97 -7.22 0.16 -20.59
CA PRO A 97 -5.99 -0.27 -21.28
C PRO A 97 -5.48 -1.61 -20.77
N ALA A 98 -5.62 -1.85 -19.47
CA ALA A 98 -5.13 -3.08 -18.85
C ALA A 98 -5.79 -3.25 -17.49
N PRO A 99 -5.67 -4.44 -16.88
CA PRO A 99 -6.21 -4.65 -15.54
C PRO A 99 -5.69 -3.59 -14.57
N LEU A 100 -6.59 -2.98 -13.80
CA LEU A 100 -6.26 -1.81 -13.00
C LEU A 100 -5.12 -2.10 -12.02
N GLY A 101 -4.19 -1.14 -11.93
CA GLY A 101 -2.99 -1.30 -11.13
C GLY A 101 -1.88 -2.04 -11.88
N ALA A 102 -2.10 -2.33 -13.15
CA ALA A 102 -1.06 -2.94 -13.98
C ALA A 102 0.12 -1.99 -14.12
N PRO A 103 1.35 -2.53 -14.19
CA PRO A 103 2.52 -1.66 -14.34
C PRO A 103 2.44 -0.83 -15.63
N ASP A 104 2.80 0.44 -15.54
CA ASP A 104 2.70 1.35 -16.68
C ASP A 104 4.07 1.72 -17.25
N PHE A 105 5.07 0.88 -16.96
CA PHE A 105 6.41 1.12 -17.49
C PHE A 105 7.10 -0.18 -17.89
N VAL A 106 7.97 -0.08 -18.89
CA VAL A 106 8.79 -1.22 -19.33
C VAL A 106 9.94 -1.45 -18.35
N GLY A 107 9.90 -2.58 -17.67
CA GLY A 107 10.95 -2.94 -16.75
C GLY A 107 10.88 -4.39 -16.32
N LYS A 108 11.91 -4.82 -15.60
CA LYS A 108 11.95 -6.15 -15.01
C LYS A 108 11.60 -6.03 -13.54
N ILE A 109 10.38 -6.43 -13.20
CA ILE A 109 9.86 -6.25 -11.85
C ILE A 109 9.99 -7.55 -11.09
N GLN A 110 10.79 -7.54 -10.04
CA GLN A 110 11.04 -8.72 -9.23
C GLN A 110 10.25 -8.62 -7.92
N GLY A 111 9.74 -9.76 -7.48
CA GLY A 111 8.98 -9.84 -6.26
C GLY A 111 8.83 -11.29 -5.89
N MET A 112 7.67 -11.65 -5.35
CA MET A 112 7.40 -13.03 -4.95
C MET A 112 6.06 -13.52 -5.45
N LEU A 113 6.04 -14.74 -5.97
CA LEU A 113 4.79 -15.44 -6.24
C LEU A 113 4.44 -16.30 -5.04
N THR A 114 3.16 -16.29 -4.67
CA THR A 114 2.67 -17.09 -3.56
C THR A 114 1.42 -17.83 -3.98
N GLN A 115 1.19 -18.99 -3.38
CA GLN A 115 0.08 -19.85 -3.80
C GLN A 115 -0.43 -20.68 -2.65
N THR A 116 -1.75 -20.82 -2.58
CA THR A 116 -2.42 -21.63 -1.58
C THR A 116 -3.19 -22.78 -2.22
N THR A 117 -2.95 -24.00 -1.77
CA THR A 117 -3.73 -25.15 -2.21
C THR A 117 -5.03 -25.21 -1.41
N ARG A 118 -6.16 -25.13 -2.11
CA ARG A 118 -7.47 -25.01 -1.48
C ARG A 118 -7.83 -26.21 -0.61
N ALA A 119 -7.47 -27.40 -1.06
CA ALA A 119 -7.87 -28.64 -0.38
C ALA A 119 -7.35 -28.75 1.05
N ASP A 120 -6.05 -28.51 1.26
CA ASP A 120 -5.43 -28.70 2.57
C ASP A 120 -4.82 -27.40 3.13
N GLY A 121 -4.87 -26.34 2.33
CA GLY A 121 -4.36 -25.04 2.76
C GLY A 121 -2.85 -24.98 2.85
N SER A 122 -2.18 -25.90 2.16
CA SER A 122 -0.71 -25.85 2.06
C SER A 122 -0.33 -24.65 1.21
N THR A 123 0.80 -24.03 1.53
CA THR A 123 1.23 -22.81 0.85
C THR A 123 2.68 -22.86 0.37
N ARG A 124 2.99 -22.05 -0.64
CA ARG A 124 4.35 -21.92 -1.14
C ARG A 124 4.61 -20.48 -1.61
N GLY A 125 5.85 -20.04 -1.47
CA GLY A 125 6.25 -18.71 -1.92
C GLY A 125 7.62 -18.73 -2.57
N HIS A 126 7.74 -18.18 -3.77
CA HIS A 126 9.02 -18.09 -4.45
C HIS A 126 9.26 -16.75 -5.13
N LYS A 127 10.53 -16.36 -5.20
CA LYS A 127 10.95 -15.17 -5.94
C LYS A 127 10.60 -15.32 -7.43
N ALA A 128 9.98 -14.28 -7.99
CA ALA A 128 9.62 -14.26 -9.40
C ALA A 128 9.85 -12.87 -10.00
N THR A 129 10.22 -12.84 -11.28
CA THR A 129 10.40 -11.59 -12.01
C THR A 129 9.58 -11.60 -13.30
N VAL A 130 8.91 -10.48 -13.59
CA VAL A 130 8.16 -10.33 -14.83
C VAL A 130 8.72 -9.20 -15.67
N TYR A 131 8.95 -9.48 -16.94
CA TYR A 131 9.45 -8.48 -17.88
C TYR A 131 8.29 -7.88 -18.65
N THR A 132 7.89 -6.66 -18.26
CA THR A 132 6.74 -6.01 -18.87
C THR A 132 7.10 -5.52 -20.27
N GLY A 133 8.40 -5.53 -20.59
CA GLY A 133 8.89 -5.26 -21.92
C GLY A 133 8.79 -6.45 -22.87
N SER A 134 8.59 -7.64 -22.33
CA SER A 134 8.62 -8.86 -23.14
C SER A 134 7.45 -8.90 -24.11
N ALA A 135 7.67 -9.52 -25.26
CA ALA A 135 6.66 -9.58 -26.32
C ALA A 135 5.39 -10.28 -25.86
N ASP A 136 5.53 -11.22 -24.93
CA ASP A 136 4.41 -12.02 -24.45
C ASP A 136 3.76 -11.42 -23.22
N PHE A 137 4.13 -10.19 -22.89
CA PHE A 137 3.48 -9.47 -21.80
C PHE A 137 2.18 -8.89 -22.32
N ALA A 138 1.08 -9.58 -22.04
CA ALA A 138 -0.23 -9.19 -22.56
C ALA A 138 -1.29 -9.24 -21.46
N PRO A 139 -1.11 -8.44 -20.39
CA PRO A 139 -2.07 -8.42 -19.28
C PRO A 139 -3.47 -8.05 -19.72
N LYS A 140 -3.56 -7.23 -20.77
CA LYS A 140 -4.85 -6.86 -21.34
C LYS A 140 -5.59 -8.10 -21.83
N LEU A 141 -4.83 -9.09 -22.28
CA LEU A 141 -5.39 -10.37 -22.73
C LEU A 141 -5.35 -11.44 -21.64
N GLY A 142 -5.04 -11.04 -20.42
CA GLY A 142 -5.03 -11.96 -19.30
C GLY A 142 -3.81 -12.86 -19.21
N ARG A 143 -2.66 -12.40 -19.71
CA ARG A 143 -1.45 -13.20 -19.67
C ARG A 143 -0.19 -12.44 -19.27
N VAL A 144 0.54 -12.99 -18.31
CA VAL A 144 1.87 -12.49 -17.93
C VAL A 144 2.74 -13.71 -17.62
N GLN A 145 4.04 -13.59 -17.90
CA GLN A 145 4.98 -14.66 -17.63
C GLN A 145 5.96 -14.26 -16.52
N PHE A 146 6.34 -15.24 -15.72
CA PHE A 146 7.23 -15.01 -14.58
C PHE A 146 8.45 -15.93 -14.63
N GLU A 147 9.63 -15.35 -14.49
CA GLU A 147 10.86 -16.12 -14.34
C GLU A 147 11.04 -16.39 -12.83
N THR A 148 10.89 -17.65 -12.42
CA THR A 148 10.89 -18.02 -11.00
C THR A 148 12.17 -18.74 -10.58
N ASP A 149 12.25 -19.11 -9.29
CA ASP A 149 13.40 -19.83 -8.77
C ASP A 149 13.06 -21.30 -8.53
N THR A 150 11.93 -21.75 -9.07
CA THR A 150 11.49 -23.13 -8.93
C THR A 150 11.10 -23.71 -10.28
N ASP A 151 11.37 -25.00 -10.44
CA ASP A 151 11.02 -25.72 -11.67
C ASP A 151 9.92 -26.76 -11.44
N HIS A 152 9.30 -26.77 -10.26
CA HIS A 152 8.26 -27.76 -9.99
C HIS A 152 7.19 -27.36 -8.97
N ASP A 153 7.53 -26.45 -8.05
CA ASP A 153 6.74 -26.28 -6.82
C ASP A 153 5.30 -25.79 -7.02
N PHE A 154 5.06 -24.92 -8.00
CA PHE A 154 3.72 -24.37 -8.20
C PHE A 154 2.74 -25.38 -8.82
N GLU A 155 1.61 -25.56 -8.16
CA GLU A 155 0.55 -26.43 -8.68
C GLU A 155 -0.33 -25.66 -9.65
N ALA A 156 -0.93 -26.38 -10.60
CA ALA A 156 -1.87 -25.77 -11.53
C ALA A 156 -3.24 -25.56 -10.86
N ASN A 157 -4.04 -24.69 -11.47
CA ASN A 157 -5.44 -24.50 -11.05
C ASN A 157 -5.59 -24.13 -9.58
N GLN A 158 -4.61 -23.39 -9.06
CA GLN A 158 -4.68 -22.82 -7.72
C GLN A 158 -4.47 -21.31 -7.80
N ASN A 159 -5.10 -20.58 -6.89
CA ASN A 159 -4.94 -19.14 -6.81
C ASN A 159 -3.49 -18.78 -6.52
N THR A 160 -2.92 -17.93 -7.36
CA THR A 160 -1.51 -17.52 -7.25
C THR A 160 -1.40 -16.00 -7.29
N LYS A 161 -0.63 -15.45 -6.36
CA LYS A 161 -0.45 -13.99 -6.26
C LYS A 161 0.99 -13.57 -6.49
N PHE A 162 1.17 -12.48 -7.23
CA PHE A 162 2.47 -11.83 -7.35
C PHE A 162 2.50 -10.56 -6.52
N THR A 163 3.44 -10.48 -5.59
CA THR A 163 3.68 -9.27 -4.80
C THR A 163 4.96 -8.61 -5.29
N PRO A 164 4.87 -7.37 -5.81
CA PRO A 164 6.09 -6.68 -6.27
C PRO A 164 6.92 -6.15 -5.11
N VAL A 165 8.25 -6.16 -5.27
CA VAL A 165 9.16 -5.62 -4.27
C VAL A 165 10.01 -4.51 -4.86
N GLY A 166 10.59 -4.77 -6.04
CA GLY A 166 11.42 -3.79 -6.69
C GLY A 166 11.70 -4.11 -8.15
N VAL A 167 12.82 -3.61 -8.64
CA VAL A 167 13.22 -3.81 -10.04
C VAL A 167 14.65 -4.36 -10.12
N ILE A 168 14.99 -4.91 -11.28
CA ILE A 168 16.32 -5.47 -11.50
C ILE A 168 16.86 -5.06 -12.87
N GLN A 169 18.18 -5.17 -13.02
CA GLN A 169 18.82 -4.91 -14.28
C GLN A 169 19.76 -6.07 -14.59
N ASP A 170 19.85 -6.41 -15.87
CA ASP A 170 20.72 -7.49 -16.33
C ASP A 170 20.52 -7.65 -17.83
N GLY A 171 21.16 -8.67 -18.42
CA GLY A 171 21.13 -8.85 -19.85
C GLY A 171 22.02 -7.84 -20.56
N SER A 172 22.61 -6.93 -19.79
CA SER A 172 23.51 -5.93 -20.33
C SER A 172 24.52 -5.54 -19.27
N THR A 173 25.56 -4.82 -19.69
CA THR A 173 26.61 -4.35 -18.79
C THR A 173 26.42 -2.85 -18.55
N THR A 174 25.53 -2.24 -19.32
CA THR A 174 25.27 -0.81 -19.21
C THR A 174 24.39 -0.53 -17.98
N HIS A 175 24.88 0.35 -17.12
CA HIS A 175 24.20 0.65 -15.86
C HIS A 175 23.03 1.63 -16.03
N ARG A 176 21.93 1.33 -15.34
CA ARG A 176 20.77 2.22 -15.25
C ARG A 176 20.09 2.45 -16.60
N ASN A 177 20.29 1.54 -17.55
CA ASN A 177 19.60 1.61 -18.83
C ASN A 177 18.17 1.11 -18.72
N GLU A 178 17.88 0.42 -17.62
CA GLU A 178 16.53 -0.08 -17.34
C GLU A 178 16.30 -0.04 -15.84
N PRO A 179 15.03 0.04 -15.40
CA PRO A 179 13.83 0.14 -16.23
C PRO A 179 13.66 1.51 -16.87
N GLN A 180 12.73 1.60 -17.81
CA GLN A 180 12.40 2.85 -18.48
C GLN A 180 10.99 3.27 -18.10
N GLN A 181 10.91 4.17 -17.13
CA GLN A 181 9.64 4.53 -16.50
C GLN A 181 8.65 5.21 -17.45
N TRP A 182 9.15 5.91 -18.48
CA TRP A 182 8.27 6.63 -19.40
C TRP A 182 7.94 5.84 -20.68
N VAL A 183 8.32 4.57 -20.74
CA VAL A 183 7.96 3.72 -21.87
C VAL A 183 6.75 2.88 -21.50
N LEU A 184 5.62 3.11 -22.16
CA LEU A 184 4.42 2.33 -21.87
C LEU A 184 4.56 0.91 -22.41
N PRO A 185 4.20 -0.09 -21.59
CA PRO A 185 4.19 -1.45 -22.14
C PRO A 185 3.11 -1.61 -23.19
N SER A 186 3.29 -2.57 -24.09
CA SER A 186 2.21 -2.95 -25.01
C SER A 186 1.35 -3.96 -24.27
N TYR A 187 0.23 -3.47 -23.72
CA TYR A 187 -0.60 -4.23 -22.80
C TYR A 187 -1.21 -5.50 -23.40
N SER A 188 -1.39 -5.53 -24.72
CA SER A 188 -1.91 -6.71 -25.40
C SER A 188 -0.83 -7.48 -26.14
N GLY A 189 0.43 -7.22 -25.79
CA GLY A 189 1.56 -7.87 -26.44
C GLY A 189 2.17 -7.04 -27.55
N ARG A 190 3.26 -7.53 -28.13
CA ARG A 190 4.00 -6.77 -29.14
C ARG A 190 3.21 -6.58 -30.43
N ASN A 191 3.50 -5.48 -31.12
CA ASN A 191 2.84 -5.13 -32.38
C ASN A 191 1.32 -5.01 -32.23
N THR A 192 0.87 -4.62 -31.04
CA THR A 192 -0.55 -4.36 -30.81
C THR A 192 -0.67 -2.94 -30.25
N HIS A 193 -1.81 -2.31 -30.47
CA HIS A 193 -2.01 -0.93 -30.06
C HIS A 193 -2.76 -0.83 -28.73
N ASN A 194 -2.21 -0.06 -27.81
CA ASN A 194 -2.88 0.18 -26.53
C ASN A 194 -4.14 0.99 -26.75
N VAL A 195 -5.12 0.81 -25.86
CA VAL A 195 -6.43 1.46 -26.00
C VAL A 195 -6.89 2.11 -24.71
N HIS A 196 -7.75 3.12 -24.84
CA HIS A 196 -8.36 3.80 -23.69
C HIS A 196 -7.31 4.33 -22.72
N LEU A 197 -6.21 4.83 -23.28
CA LEU A 197 -5.12 5.39 -22.49
C LEU A 197 -5.50 6.73 -21.88
N ALA A 198 -5.01 6.98 -20.67
CA ALA A 198 -4.96 8.34 -20.15
C ALA A 198 -4.01 9.11 -21.05
N PRO A 199 -4.35 10.38 -21.38
CA PRO A 199 -3.54 11.10 -22.36
C PRO A 199 -2.16 11.48 -21.84
N ALA A 200 -1.21 11.68 -22.75
CA ALA A 200 0.11 12.16 -22.39
C ALA A 200 0.02 13.60 -21.88
N VAL A 201 0.90 13.96 -20.95
CA VAL A 201 0.93 15.30 -20.40
C VAL A 201 2.28 15.97 -20.72
N ALA A 202 2.22 17.25 -21.07
CA ALA A 202 3.42 18.04 -21.30
C ALA A 202 3.19 19.49 -20.86
N PRO A 203 4.25 20.15 -20.36
CA PRO A 203 4.09 21.56 -20.05
C PRO A 203 3.85 22.35 -21.33
N THR A 204 2.88 23.27 -21.29
CA THR A 204 2.55 24.10 -22.45
C THR A 204 2.99 25.54 -22.22
N PHE A 205 2.87 26.01 -20.99
CA PHE A 205 3.16 27.40 -20.67
C PHE A 205 4.68 27.62 -20.73
N PRO A 206 5.13 28.75 -21.30
CA PRO A 206 6.58 28.93 -21.46
C PRO A 206 7.33 28.98 -20.12
N GLY A 207 8.50 28.37 -20.06
CA GLY A 207 9.32 28.38 -18.86
C GLY A 207 8.84 27.44 -17.77
N GLU A 208 7.85 26.61 -18.08
CA GLU A 208 7.27 25.69 -17.10
C GLU A 208 7.70 24.25 -17.37
N GLN A 209 7.94 23.52 -16.27
CA GLN A 209 8.24 22.09 -16.33
C GLN A 209 7.26 21.33 -15.45
N LEU A 210 7.12 20.02 -15.71
CA LEU A 210 6.31 19.17 -14.84
C LEU A 210 6.94 19.08 -13.47
N LEU A 211 6.10 19.00 -12.43
CA LEU A 211 6.55 18.71 -11.08
C LEU A 211 6.33 17.23 -10.77
N PHE A 212 7.41 16.54 -10.41
CA PHE A 212 7.35 15.09 -10.22
C PHE A 212 7.38 14.70 -8.74
N PHE A 213 6.50 13.77 -8.38
CA PHE A 213 6.49 13.17 -7.05
C PHE A 213 7.30 11.88 -7.12
N ARG A 214 8.48 11.92 -6.52
CA ARG A 214 9.51 10.93 -6.82
C ARG A 214 9.75 9.94 -5.67
N SER A 215 9.93 8.68 -6.05
CA SER A 215 10.31 7.62 -5.12
C SER A 215 11.52 6.90 -5.66
N THR A 216 12.16 6.11 -4.80
CA THR A 216 13.28 5.27 -5.20
C THR A 216 12.86 3.83 -5.05
N MET A 217 12.60 3.17 -6.18
CA MET A 217 12.21 1.76 -6.16
C MET A 217 13.33 0.92 -5.59
N PRO A 218 13.00 -0.10 -4.79
CA PRO A 218 14.07 -1.02 -4.37
C PRO A 218 14.68 -1.77 -5.56
N GLY A 219 16.00 -1.96 -5.52
CA GLY A 219 16.69 -2.74 -6.52
C GLY A 219 17.00 -4.11 -5.97
N CYS A 220 16.72 -5.16 -6.74
CA CYS A 220 16.90 -6.53 -6.27
C CYS A 220 18.04 -7.25 -6.99
N SER A 221 18.53 -6.66 -8.09
CA SER A 221 19.67 -7.23 -8.81
C SER A 221 20.19 -6.28 -9.88
N GLY A 222 21.51 -6.24 -10.03
CA GLY A 222 22.15 -5.47 -11.08
C GLY A 222 22.26 -3.99 -10.77
N TYR A 223 22.21 -3.18 -11.83
CA TYR A 223 22.37 -1.73 -11.72
C TYR A 223 21.19 -1.01 -12.38
N PRO A 224 20.00 -1.14 -11.78
CA PRO A 224 18.80 -0.54 -12.38
C PRO A 224 18.64 0.96 -12.11
N ASN A 225 17.94 1.65 -13.00
CA ASN A 225 17.49 3.01 -12.74
C ASN A 225 16.24 2.93 -11.86
N MET A 226 16.40 3.32 -10.60
CA MET A 226 15.36 3.12 -9.59
C MET A 226 14.50 4.37 -9.38
N ASP A 227 14.70 5.39 -10.21
CA ASP A 227 13.89 6.60 -10.13
C ASP A 227 12.46 6.35 -10.65
N LEU A 228 11.48 6.73 -9.86
CA LEU A 228 10.07 6.61 -10.24
C LEU A 228 9.28 7.88 -9.95
N ASP A 229 8.75 8.49 -11.01
CA ASP A 229 8.01 9.73 -10.91
C ASP A 229 6.53 9.53 -11.21
N CYS A 230 5.67 9.96 -10.30
CA CYS A 230 4.23 9.99 -10.55
C CYS A 230 3.73 11.44 -10.61
N LEU A 231 2.74 11.66 -11.46
CA LEU A 231 2.13 12.99 -11.63
C LEU A 231 1.30 13.38 -10.43
N LEU A 232 0.64 12.39 -9.82
CA LEU A 232 -0.20 12.62 -8.64
C LEU A 232 0.16 11.64 -7.54
N PRO A 233 0.32 12.15 -6.29
CA PRO A 233 0.42 11.19 -5.18
C PRO A 233 -0.86 10.35 -5.05
N GLN A 234 -0.70 9.10 -4.63
CA GLN A 234 -1.80 8.16 -4.57
C GLN A 234 -2.91 8.69 -3.67
N GLU A 235 -2.53 9.36 -2.59
CA GLU A 235 -3.49 9.94 -1.66
C GLU A 235 -4.33 11.04 -2.30
N TRP A 236 -3.75 11.80 -3.23
CA TRP A 236 -4.50 12.82 -3.94
C TRP A 236 -5.57 12.18 -4.82
N VAL A 237 -5.21 11.08 -5.48
CA VAL A 237 -6.16 10.32 -6.29
C VAL A 237 -7.30 9.83 -5.39
N GLN A 238 -6.94 9.27 -4.23
CA GLN A 238 -7.92 8.82 -3.26
C GLN A 238 -8.78 9.98 -2.77
N TYR A 239 -8.13 11.12 -2.51
CA TYR A 239 -8.82 12.31 -2.01
C TYR A 239 -9.83 12.88 -3.00
N PHE A 240 -9.38 13.11 -4.23
CA PHE A 240 -10.24 13.70 -5.26
C PHE A 240 -11.45 12.81 -5.53
N TYR A 241 -11.20 11.51 -5.54
CA TYR A 241 -12.25 10.53 -5.82
C TYR A 241 -13.36 10.58 -4.79
N GLN A 242 -12.97 10.69 -3.52
CA GLN A 242 -13.93 10.79 -2.42
C GLN A 242 -14.67 12.13 -2.43
N GLU A 243 -13.90 13.22 -2.46
CA GLU A 243 -14.46 14.56 -2.40
C GLU A 243 -15.26 14.95 -3.66
N ALA A 244 -14.68 14.68 -4.83
CA ALA A 244 -15.33 15.01 -6.10
C ALA A 244 -15.75 16.47 -6.18
N ALA A 245 -14.84 17.37 -5.79
CA ALA A 245 -15.10 18.80 -5.83
C ALA A 245 -15.00 19.30 -7.28
N PRO A 246 -16.06 19.95 -7.81
CA PRO A 246 -16.01 20.41 -9.20
C PRO A 246 -14.93 21.46 -9.45
N ALA A 247 -14.37 21.46 -10.65
CA ALA A 247 -13.31 22.40 -11.01
C ALA A 247 -13.92 23.67 -11.59
N GLN A 248 -13.61 24.81 -10.96
CA GLN A 248 -14.08 26.11 -11.44
C GLN A 248 -13.41 26.49 -12.76
N SER A 249 -12.13 26.14 -12.87
CA SER A 249 -11.35 26.45 -14.06
C SER A 249 -10.37 25.34 -14.40
N ASP A 250 -9.57 25.59 -15.43
CA ASP A 250 -8.59 24.63 -15.92
C ASP A 250 -7.51 24.32 -14.89
N VAL A 251 -7.21 25.29 -14.03
CA VAL A 251 -6.06 25.17 -13.14
C VAL A 251 -6.34 25.58 -11.69
N ALA A 252 -5.90 24.74 -10.77
CA ALA A 252 -5.93 25.03 -9.34
C ALA A 252 -4.55 25.49 -8.87
N LEU A 253 -4.44 26.75 -8.46
CA LEU A 253 -3.18 27.27 -7.95
C LEU A 253 -2.89 26.70 -6.56
N LEU A 254 -1.72 26.08 -6.42
CA LEU A 254 -1.31 25.49 -5.16
C LEU A 254 -0.09 26.23 -4.61
N ARG A 255 -0.04 26.35 -3.28
CA ARG A 255 1.11 26.91 -2.59
C ARG A 255 1.69 25.87 -1.63
N PHE A 256 3.00 25.71 -1.65
CA PHE A 256 3.65 24.77 -0.75
C PHE A 256 4.11 25.54 0.47
N VAL A 257 3.57 25.20 1.62
CA VAL A 257 3.74 25.99 2.83
C VAL A 257 4.76 25.36 3.77
N ASN A 258 5.53 26.22 4.45
CA ASN A 258 6.50 25.77 5.43
C ASN A 258 6.01 26.11 6.85
N PRO A 259 5.64 25.08 7.63
CA PRO A 259 5.15 25.33 8.99
C PRO A 259 6.20 25.97 9.90
N ASP A 260 7.46 25.65 9.67
CA ASP A 260 8.56 26.15 10.51
C ASP A 260 8.77 27.65 10.36
N THR A 261 8.56 28.19 9.16
CA THR A 261 8.73 29.61 8.91
C THR A 261 7.40 30.33 8.75
N GLY A 262 6.37 29.58 8.35
CA GLY A 262 5.05 30.14 8.13
C GLY A 262 4.85 30.63 6.70
N ARG A 263 5.93 30.66 5.93
CA ARG A 263 5.90 31.21 4.57
C ARG A 263 5.72 30.16 3.47
N VAL A 264 5.42 30.66 2.28
CA VAL A 264 5.26 29.85 1.08
C VAL A 264 6.61 29.63 0.39
N LEU A 265 7.04 28.37 0.30
CA LEU A 265 8.28 28.04 -0.38
C LEU A 265 8.18 28.25 -1.88
N PHE A 266 7.13 27.67 -2.48
CA PHE A 266 6.90 27.80 -3.91
C PHE A 266 5.43 27.56 -4.24
N GLU A 267 5.04 27.93 -5.46
CA GLU A 267 3.68 27.69 -5.91
C GLU A 267 3.71 26.90 -7.22
N CYS A 268 2.63 26.18 -7.49
CA CYS A 268 2.57 25.33 -8.68
C CYS A 268 1.15 25.27 -9.25
N LYS A 269 1.06 24.76 -10.47
CA LYS A 269 -0.21 24.63 -11.19
C LYS A 269 -0.71 23.19 -11.18
N LEU A 270 -1.81 22.94 -10.49
CA LEU A 270 -2.46 21.63 -10.56
C LEU A 270 -3.55 21.70 -11.63
N HIS A 271 -3.27 21.10 -12.78
CA HIS A 271 -4.21 21.09 -13.89
C HIS A 271 -5.35 20.12 -13.57
N LYS A 272 -6.58 20.47 -13.94
CA LYS A 272 -7.74 19.73 -13.45
C LYS A 272 -7.72 18.29 -13.99
N SER A 273 -6.99 18.08 -15.08
CA SER A 273 -6.88 16.75 -15.68
C SER A 273 -5.86 15.88 -14.93
N GLY A 274 -5.23 16.44 -13.90
CA GLY A 274 -4.43 15.67 -12.97
C GLY A 274 -2.94 15.60 -13.24
N TYR A 275 -2.29 16.77 -13.26
CA TYR A 275 -0.83 16.83 -13.24
C TYR A 275 -0.38 18.22 -12.79
N VAL A 276 0.89 18.34 -12.40
CA VAL A 276 1.40 19.57 -11.81
C VAL A 276 2.60 20.14 -12.56
N THR A 277 2.59 21.46 -12.75
CA THR A 277 3.70 22.18 -13.39
C THR A 277 4.20 23.34 -12.53
N VAL A 278 5.48 23.64 -12.65
CA VAL A 278 6.11 24.75 -11.93
C VAL A 278 6.95 25.60 -12.88
N ALA A 279 7.22 26.83 -12.48
CA ALA A 279 8.07 27.73 -13.26
C ALA A 279 9.53 27.52 -12.85
N HIS A 280 10.20 26.64 -13.58
CA HIS A 280 11.62 26.40 -13.41
C HIS A 280 12.18 25.87 -14.72
N THR A 281 13.46 26.11 -14.96
CA THR A 281 14.12 25.59 -16.14
C THR A 281 15.35 24.76 -15.74
N GLY A 282 15.31 23.49 -16.11
CA GLY A 282 16.42 22.57 -15.83
C GLY A 282 16.04 21.50 -14.82
N GLN A 283 16.95 20.54 -14.63
CA GLN A 283 16.76 19.47 -13.66
C GLN A 283 17.00 19.97 -12.25
N HIS A 284 16.04 19.75 -11.36
CA HIS A 284 16.11 20.25 -9.99
C HIS A 284 15.46 19.32 -8.97
N ASP A 285 16.20 19.03 -7.90
CA ASP A 285 15.66 18.35 -6.73
C ASP A 285 15.19 19.39 -5.72
N LEU A 286 13.90 19.35 -5.38
CA LEU A 286 13.37 20.33 -4.44
C LEU A 286 13.83 20.04 -3.02
N VAL A 287 14.29 21.09 -2.34
CA VAL A 287 14.66 20.98 -0.94
C VAL A 287 13.51 21.54 -0.13
N ILE A 288 12.80 20.65 0.56
CA ILE A 288 11.58 21.02 1.25
C ILE A 288 11.69 20.74 2.74
N PRO A 289 10.95 21.50 3.56
CA PRO A 289 10.79 21.12 4.97
C PRO A 289 9.97 19.83 5.06
N PRO A 290 10.42 18.85 5.85
CA PRO A 290 9.73 17.55 5.87
C PRO A 290 8.29 17.63 6.37
N ASN A 291 7.94 18.67 7.12
CA ASN A 291 6.57 18.88 7.57
C ASN A 291 5.77 19.80 6.63
N GLY A 292 6.39 20.19 5.52
CA GLY A 292 5.73 21.03 4.53
C GLY A 292 4.63 20.29 3.81
N TYR A 293 3.68 21.02 3.24
CA TYR A 293 2.53 20.42 2.58
C TYR A 293 1.89 21.37 1.56
N PHE A 294 1.05 20.83 0.68
CA PHE A 294 0.38 21.63 -0.33
C PHE A 294 -0.94 22.20 0.16
N ARG A 295 -1.28 23.38 -0.36
CA ARG A 295 -2.54 24.04 -0.06
C ARG A 295 -3.13 24.67 -1.32
N PHE A 296 -4.40 24.40 -1.59
CA PHE A 296 -5.09 25.03 -2.70
C PHE A 296 -5.56 26.42 -2.29
N ASP A 297 -5.13 27.44 -3.03
CA ASP A 297 -5.46 28.81 -2.68
C ASP A 297 -6.53 29.39 -3.60
N SER A 298 -6.40 29.15 -4.90
CA SER A 298 -7.33 29.74 -5.86
C SER A 298 -7.35 29.05 -7.20
N TRP A 299 -8.51 29.14 -7.86
CA TRP A 299 -8.64 28.77 -9.26
C TRP A 299 -8.15 29.93 -10.13
N VAL A 300 -7.20 29.63 -11.03
CA VAL A 300 -6.65 30.62 -11.93
C VAL A 300 -6.77 30.11 -13.35
N ASN A 301 -6.56 30.98 -14.33
CA ASN A 301 -6.67 30.58 -15.73
C ASN A 301 -5.44 29.78 -16.16
N GLN A 302 -5.52 29.22 -17.36
CA GLN A 302 -4.48 28.32 -17.85
C GLN A 302 -3.15 29.02 -18.07
N PHE A 303 -3.22 30.31 -18.35
CA PHE A 303 -2.05 31.11 -18.73
C PHE A 303 -1.58 32.01 -17.60
N TYR A 304 -1.91 31.63 -16.37
CA TYR A 304 -1.41 32.29 -15.18
C TYR A 304 0.11 32.17 -15.11
N THR A 305 0.78 33.19 -14.59
CA THR A 305 2.23 33.18 -14.49
C THR A 305 2.67 32.82 -13.07
N LEU A 306 3.27 31.65 -12.93
CA LEU A 306 3.75 31.18 -11.62
C LEU A 306 4.95 31.98 -11.16
N ALA A 307 5.09 32.14 -9.85
CA ALA A 307 6.32 32.68 -9.28
C ALA A 307 7.43 31.67 -9.53
N PRO A 308 8.59 32.13 -10.03
CA PRO A 308 9.70 31.19 -10.27
C PRO A 308 10.16 30.44 -9.01
N MET A 309 10.43 29.15 -9.15
CA MET A 309 10.98 28.36 -8.05
C MET A 309 12.30 27.72 -8.48
N LYS B 4 -17.04 20.32 6.48
CA LYS B 4 -17.74 19.05 6.30
C LYS B 4 -17.80 18.27 7.62
N PRO B 5 -19.00 17.84 8.04
CA PRO B 5 -19.20 17.20 9.35
C PRO B 5 -18.58 15.80 9.41
N PHE B 6 -18.71 15.12 10.54
CA PHE B 6 -18.14 13.77 10.66
C PHE B 6 -18.80 12.82 9.68
N SER B 7 -18.00 11.93 9.12
CA SER B 7 -18.49 10.92 8.19
C SER B 7 -17.50 9.77 8.04
N VAL B 8 -17.93 8.70 7.38
CA VAL B 8 -17.03 7.65 6.93
C VAL B 8 -17.04 7.66 5.40
N PRO B 9 -15.92 7.26 4.77
CA PRO B 9 -15.83 7.37 3.31
C PRO B 9 -16.73 6.38 2.58
N VAL B 10 -17.18 6.76 1.39
CA VAL B 10 -17.93 5.85 0.53
C VAL B 10 -16.95 4.96 -0.22
N LEU B 11 -16.48 3.93 0.48
CA LEU B 11 -15.60 2.93 -0.11
C LEU B 11 -16.16 1.55 0.18
N THR B 12 -16.22 0.71 -0.85
CA THR B 12 -16.64 -0.67 -0.65
C THR B 12 -15.54 -1.40 0.13
N VAL B 13 -15.90 -2.52 0.73
CA VAL B 13 -14.94 -3.33 1.46
C VAL B 13 -13.77 -3.73 0.55
N GLU B 14 -14.10 -4.20 -0.64
CA GLU B 14 -13.09 -4.66 -1.60
C GLU B 14 -12.19 -3.52 -2.10
N GLU B 15 -12.75 -2.31 -2.12
CA GLU B 15 -11.98 -1.14 -2.54
C GLU B 15 -10.98 -0.67 -1.47
N MET B 16 -11.06 -1.25 -0.28
CA MET B 16 -10.22 -0.82 0.83
C MET B 16 -9.10 -1.80 1.18
N THR B 17 -8.27 -1.39 2.13
CA THR B 17 -7.02 -2.06 2.43
C THR B 17 -6.95 -2.46 3.89
N ASN B 18 -6.31 -3.59 4.17
CA ASN B 18 -6.05 -4.00 5.54
C ASN B 18 -5.06 -3.05 6.19
N SER B 19 -5.34 -2.69 7.44
CA SER B 19 -4.50 -1.77 8.19
C SER B 19 -3.39 -2.46 8.99
N ARG B 20 -3.35 -3.80 8.95
CA ARG B 20 -2.38 -4.57 9.72
C ARG B 20 -1.39 -5.32 8.82
N PHE B 21 -1.65 -5.30 7.51
CA PHE B 21 -0.75 -5.91 6.53
C PHE B 21 -1.00 -5.27 5.17
N PRO B 22 0.05 -5.10 4.36
CA PRO B 22 -0.15 -4.38 3.08
C PRO B 22 -0.89 -5.23 2.04
N ILE B 23 -2.14 -5.54 2.32
CA ILE B 23 -2.99 -6.28 1.40
C ILE B 23 -4.41 -5.74 1.44
N PRO B 24 -5.18 -5.95 0.36
CA PRO B 24 -6.56 -5.45 0.28
C PRO B 24 -7.52 -6.23 1.19
N LEU B 25 -8.59 -5.57 1.62
CA LEU B 25 -9.67 -6.23 2.34
C LEU B 25 -10.45 -7.16 1.41
N GLU B 26 -10.94 -8.27 1.97
CA GLU B 26 -11.69 -9.25 1.19
C GLU B 26 -13.15 -9.38 1.66
N LYS B 27 -13.36 -9.35 2.97
CA LYS B 27 -14.69 -9.59 3.52
C LYS B 27 -14.86 -9.03 4.93
N LEU B 28 -16.10 -9.11 5.42
CA LEU B 28 -16.44 -8.71 6.77
C LEU B 28 -16.76 -9.96 7.59
N PHE B 29 -16.21 -10.01 8.80
CA PHE B 29 -16.35 -11.17 9.67
C PHE B 29 -16.65 -10.73 11.10
N THR B 30 -17.53 -11.47 11.76
CA THR B 30 -17.81 -11.24 13.17
C THR B 30 -17.75 -12.56 13.93
N GLY B 31 -17.26 -12.49 15.16
CA GLY B 31 -17.22 -13.64 16.03
C GLY B 31 -16.99 -13.21 17.45
N PRO B 32 -17.10 -14.15 18.41
CA PRO B 32 -16.83 -13.86 19.81
C PRO B 32 -15.35 -13.65 20.07
N SER B 33 -15.01 -12.80 21.02
CA SER B 33 -13.62 -12.46 21.30
C SER B 33 -13.28 -12.53 22.79
N SER B 34 -14.11 -13.20 23.57
CA SER B 34 -13.85 -13.38 25.00
C SER B 34 -12.70 -14.37 25.24
N ALA B 35 -12.53 -15.31 24.32
CA ALA B 35 -11.48 -16.33 24.43
C ALA B 35 -10.08 -15.79 24.18
N PHE B 36 -9.98 -14.64 23.52
CA PHE B 36 -8.67 -14.03 23.25
C PHE B 36 -8.70 -12.53 23.56
N VAL B 37 -7.54 -11.90 23.49
CA VAL B 37 -7.42 -10.46 23.68
C VAL B 37 -7.31 -9.75 22.35
N VAL B 38 -8.14 -8.73 22.14
CA VAL B 38 -8.10 -7.92 20.93
C VAL B 38 -7.36 -6.62 21.22
N GLN B 39 -6.07 -6.59 20.91
CA GLN B 39 -5.24 -5.41 21.18
C GLN B 39 -4.25 -5.12 20.06
N PRO B 40 -4.75 -5.02 18.81
CA PRO B 40 -3.86 -4.66 17.70
C PRO B 40 -3.32 -3.24 17.82
N GLN B 41 -2.08 -3.03 17.38
CA GLN B 41 -1.45 -1.71 17.46
C GLN B 41 -1.50 -0.98 16.12
N ASN B 42 -1.58 -1.74 15.03
CA ASN B 42 -1.83 -1.15 13.72
C ASN B 42 -3.34 -1.07 13.46
N GLY B 43 -3.75 -0.14 12.61
CA GLY B 43 -5.16 0.08 12.34
C GLY B 43 -5.93 0.58 13.56
N ARG B 44 -5.26 1.38 14.39
CA ARG B 44 -5.88 2.02 15.54
C ARG B 44 -5.94 3.53 15.37
N CYS B 45 -7.15 4.08 15.38
CA CYS B 45 -7.36 5.51 15.22
C CYS B 45 -8.71 5.91 15.82
N THR B 46 -8.75 7.01 16.56
CA THR B 46 -10.02 7.55 17.04
C THR B 46 -10.79 8.19 15.89
N THR B 47 -12.10 8.34 16.04
CA THR B 47 -12.93 8.95 15.00
C THR B 47 -12.56 10.41 14.73
N ASP B 48 -11.91 11.05 15.70
CA ASP B 48 -11.45 12.43 15.52
C ASP B 48 -10.02 12.49 14.98
N GLY B 49 -9.52 11.36 14.49
CA GLY B 49 -8.27 11.32 13.75
C GLY B 49 -7.00 11.28 14.58
N VAL B 50 -7.08 10.71 15.77
CA VAL B 50 -5.90 10.55 16.62
C VAL B 50 -5.33 9.14 16.42
N LEU B 51 -4.14 9.08 15.85
CA LEU B 51 -3.45 7.82 15.62
C LEU B 51 -3.02 7.18 16.94
N LEU B 52 -3.19 5.87 17.06
CA LEU B 52 -2.86 5.15 18.28
C LEU B 52 -1.89 3.99 18.00
N GLY B 53 -1.24 3.51 19.05
CA GLY B 53 -0.31 2.39 18.94
C GLY B 53 0.83 2.68 17.98
N THR B 54 1.02 1.78 17.02
CA THR B 54 2.05 1.91 16.01
C THR B 54 1.47 2.36 14.68
N THR B 55 0.24 2.88 14.73
CA THR B 55 -0.50 3.19 13.52
C THR B 55 0.09 4.39 12.79
N GLN B 56 0.20 4.27 11.47
CA GLN B 56 0.63 5.36 10.63
C GLN B 56 -0.12 5.31 9.30
N LEU B 57 0.02 6.37 8.51
CA LEU B 57 -0.84 6.59 7.36
C LEU B 57 -0.52 5.72 6.14
N SER B 58 0.73 5.30 5.99
CA SER B 58 1.11 4.56 4.79
C SER B 58 0.72 3.09 4.89
N PRO B 59 -0.17 2.63 3.98
CA PRO B 59 -0.51 1.20 3.93
C PRO B 59 0.68 0.33 3.51
N VAL B 60 1.44 0.80 2.53
CA VAL B 60 2.55 0.03 1.97
C VAL B 60 3.69 -0.16 2.98
N ASN B 61 3.84 0.76 3.92
CA ASN B 61 4.88 0.65 4.96
C ASN B 61 4.58 -0.35 6.06
N ILE B 62 3.34 -0.80 6.17
CA ILE B 62 2.95 -1.71 7.24
C ILE B 62 3.78 -3.00 7.11
N CYS B 63 4.42 -3.38 8.21
CA CYS B 63 5.26 -4.57 8.30
C CYS B 63 6.51 -4.47 7.41
N THR B 64 6.96 -3.24 7.17
CA THR B 64 8.26 -3.03 6.52
C THR B 64 9.30 -2.63 7.57
N PHE B 65 10.56 -2.87 7.24
CA PHE B 65 11.66 -2.44 8.09
C PHE B 65 12.78 -1.86 7.23
N ARG B 66 13.49 -0.88 7.79
CA ARG B 66 14.55 -0.18 7.10
C ARG B 66 15.77 -0.03 8.00
N GLY B 67 16.95 -0.07 7.40
CA GLY B 67 18.19 0.11 8.13
C GLY B 67 19.37 -0.49 7.40
N ASP B 68 20.42 -0.79 8.15
CA ASP B 68 21.57 -1.51 7.62
C ASP B 68 21.71 -2.82 8.38
N VAL B 69 22.45 -3.77 7.80
CA VAL B 69 22.53 -5.11 8.35
C VAL B 69 23.95 -5.56 8.65
N THR B 70 24.07 -6.38 9.69
CA THR B 70 25.33 -6.97 10.09
C THR B 70 25.16 -8.48 10.05
N HIS B 71 26.00 -9.16 9.28
CA HIS B 71 25.90 -10.60 9.16
C HIS B 71 26.31 -11.26 10.48
N ILE B 72 25.56 -12.29 10.85
CA ILE B 72 25.91 -13.13 11.99
C ILE B 72 26.64 -14.38 11.50
N THR B 73 27.92 -14.49 11.83
CA THR B 73 28.76 -15.58 11.33
C THR B 73 28.20 -16.93 11.78
N GLY B 74 28.36 -17.94 10.93
CA GLY B 74 27.86 -19.27 11.21
C GLY B 74 26.34 -19.35 11.10
N SER B 75 25.77 -18.45 10.32
CA SER B 75 24.33 -18.45 10.07
C SER B 75 24.00 -17.69 8.78
N ARG B 76 22.76 -17.83 8.34
CA ARG B 76 22.23 -17.06 7.22
C ARG B 76 21.35 -15.94 7.76
N ASN B 77 21.60 -15.59 9.01
CA ASN B 77 20.81 -14.58 9.71
C ASN B 77 21.55 -13.25 9.77
N TYR B 78 20.81 -12.17 9.59
CA TYR B 78 21.36 -10.82 9.66
C TYR B 78 20.58 -10.03 10.70
N THR B 79 21.31 -9.28 11.51
CA THR B 79 20.68 -8.32 12.42
C THR B 79 20.58 -7.01 11.68
N MET B 80 19.41 -6.38 11.76
CA MET B 80 19.21 -5.07 11.16
C MET B 80 19.13 -4.03 12.26
N ASN B 81 20.01 -3.04 12.21
CA ASN B 81 19.88 -1.91 13.10
C ASN B 81 18.96 -0.91 12.42
N LEU B 82 17.74 -0.80 12.96
CA LEU B 82 16.67 -0.09 12.28
C LEU B 82 16.98 1.39 12.09
N ALA B 83 16.58 1.89 10.93
CA ALA B 83 16.57 3.33 10.67
C ALA B 83 15.12 3.76 10.74
N SER B 84 14.88 5.06 10.72
CA SER B 84 13.51 5.57 10.67
C SER B 84 12.97 5.35 9.26
N GLN B 85 11.67 5.52 9.08
CA GLN B 85 11.04 5.28 7.78
C GLN B 85 11.61 6.16 6.66
N ASN B 86 12.14 7.32 7.03
CA ASN B 86 12.73 8.25 6.07
C ASN B 86 14.25 8.08 5.94
N TRP B 87 14.75 6.94 6.41
CA TRP B 87 16.18 6.59 6.32
C TRP B 87 17.05 7.45 7.25
N ASN B 88 16.44 8.13 8.20
CA ASN B 88 17.18 8.86 9.22
C ASN B 88 17.44 7.96 10.41
N ASN B 89 18.20 8.47 11.39
CA ASN B 89 18.47 7.70 12.59
C ASN B 89 17.19 7.38 13.33
N TYR B 90 17.12 6.18 13.88
CA TYR B 90 16.00 5.79 14.73
C TYR B 90 16.21 6.31 16.14
N ASP B 91 15.15 6.82 16.76
CA ASP B 91 15.19 7.25 18.15
C ASP B 91 14.27 6.36 18.99
N PRO B 92 14.84 5.65 19.99
CA PRO B 92 13.98 4.74 20.77
C PRO B 92 13.35 5.42 21.98
N THR B 93 13.48 6.73 22.09
CA THR B 93 12.86 7.48 23.17
C THR B 93 11.48 8.01 22.78
N GLU B 94 11.10 7.78 21.53
CA GLU B 94 9.77 8.16 21.07
C GLU B 94 8.74 7.38 21.89
N GLU B 95 7.66 8.06 22.27
CA GLU B 95 6.64 7.45 23.11
C GLU B 95 5.67 6.62 22.27
N ILE B 96 6.23 5.60 21.62
CA ILE B 96 5.47 4.67 20.81
C ILE B 96 5.92 3.25 21.15
N PRO B 97 5.03 2.26 21.01
CA PRO B 97 5.41 0.89 21.37
C PRO B 97 6.60 0.38 20.56
N ALA B 98 6.63 0.76 19.29
CA ALA B 98 7.68 0.33 18.37
C ALA B 98 7.63 1.23 17.15
N PRO B 99 8.66 1.16 16.28
CA PRO B 99 8.61 1.97 15.05
C PRO B 99 7.30 1.75 14.29
N LEU B 100 6.65 2.83 13.90
CA LEU B 100 5.30 2.78 13.36
C LEU B 100 5.23 1.86 12.15
N GLY B 101 4.16 1.06 12.09
CA GLY B 101 4.01 0.06 11.05
C GLY B 101 4.69 -1.25 11.38
N ALA B 102 5.26 -1.35 12.59
CA ALA B 102 5.82 -2.61 13.05
C ALA B 102 4.70 -3.65 13.15
N PRO B 103 5.00 -4.93 12.85
CA PRO B 103 3.94 -5.93 12.97
C PRO B 103 3.41 -6.04 14.39
N ASP B 104 2.09 -6.18 14.53
CA ASP B 104 1.44 -6.20 15.83
C ASP B 104 0.96 -7.60 16.21
N PHE B 105 1.55 -8.61 15.56
CA PHE B 105 1.22 -9.99 15.88
C PHE B 105 2.46 -10.88 15.87
N VAL B 106 2.43 -11.92 16.69
CA VAL B 106 3.50 -12.91 16.72
C VAL B 106 3.36 -13.85 15.54
N GLY B 107 4.32 -13.80 14.64
CA GLY B 107 4.31 -14.67 13.48
C GLY B 107 5.64 -14.69 12.76
N LYS B 108 5.74 -15.56 11.76
CA LYS B 108 6.90 -15.62 10.89
C LYS B 108 6.54 -14.93 9.56
N ILE B 109 7.05 -13.72 9.38
CA ILE B 109 6.69 -12.91 8.22
C ILE B 109 7.78 -13.01 7.17
N GLN B 110 7.42 -13.56 6.02
CA GLN B 110 8.37 -13.76 4.93
C GLN B 110 8.20 -12.69 3.86
N GLY B 111 9.32 -12.28 3.29
CA GLY B 111 9.34 -11.28 2.25
C GLY B 111 10.72 -11.26 1.62
N MET B 112 11.18 -10.06 1.25
CA MET B 112 12.48 -9.90 0.64
C MET B 112 13.27 -8.75 1.28
N LEU B 113 14.55 -8.99 1.51
CA LEU B 113 15.49 -7.93 1.86
C LEU B 113 16.13 -7.41 0.57
N THR B 114 16.25 -6.10 0.45
CA THR B 114 16.87 -5.48 -0.71
C THR B 114 17.86 -4.43 -0.25
N GLN B 115 18.88 -4.21 -1.06
CA GLN B 115 19.99 -3.34 -0.68
C GLN B 115 20.63 -2.67 -1.88
N THR B 116 20.96 -1.39 -1.72
CA THR B 116 21.67 -0.62 -2.74
C THR B 116 23.03 -0.19 -2.20
N THR B 117 24.08 -0.52 -2.94
CA THR B 117 25.41 -0.03 -2.63
C THR B 117 25.51 1.39 -3.16
N ARG B 118 25.77 2.33 -2.25
CA ARG B 118 25.71 3.76 -2.57
C ARG B 118 26.68 4.18 -3.66
N ALA B 119 27.89 3.62 -3.63
CA ALA B 119 28.96 4.03 -4.54
C ALA B 119 28.63 3.81 -6.02
N ASP B 120 28.17 2.61 -6.36
CA ASP B 120 27.96 2.25 -7.77
C ASP B 120 26.51 1.91 -8.11
N GLY B 121 25.65 1.90 -7.10
CA GLY B 121 24.24 1.64 -7.32
C GLY B 121 23.98 0.18 -7.67
N SER B 122 24.92 -0.69 -7.31
CA SER B 122 24.71 -2.13 -7.47
C SER B 122 23.64 -2.55 -6.48
N THR B 123 22.82 -3.53 -6.87
CA THR B 123 21.73 -3.98 -6.02
C THR B 123 21.70 -5.50 -5.88
N ARG B 124 21.09 -5.94 -4.78
CA ARG B 124 20.87 -7.36 -4.51
C ARG B 124 19.55 -7.53 -3.77
N GLY B 125 18.89 -8.66 -4.00
CA GLY B 125 17.62 -8.96 -3.34
C GLY B 125 17.55 -10.42 -2.93
N HIS B 126 17.21 -10.67 -1.68
CA HIS B 126 17.06 -12.04 -1.18
C HIS B 126 15.85 -12.24 -0.29
N LYS B 127 15.30 -13.45 -0.37
CA LYS B 127 14.21 -13.87 0.48
C LYS B 127 14.62 -13.82 1.94
N ALA B 128 13.77 -13.21 2.76
CA ALA B 128 14.02 -13.14 4.19
C ALA B 128 12.74 -13.33 4.98
N THR B 129 12.87 -13.93 6.16
CA THR B 129 11.75 -14.13 7.07
C THR B 129 12.13 -13.58 8.44
N VAL B 130 11.19 -12.90 9.09
CA VAL B 130 11.41 -12.38 10.43
C VAL B 130 10.45 -13.03 11.40
N TYR B 131 10.99 -13.54 12.49
CA TYR B 131 10.16 -14.14 13.53
C TYR B 131 9.91 -13.10 14.60
N THR B 132 8.71 -12.53 14.58
CA THR B 132 8.38 -11.45 15.50
C THR B 132 8.13 -12.00 16.91
N GLY B 133 8.00 -13.32 17.01
CA GLY B 133 7.93 -14.00 18.28
C GLY B 133 9.28 -14.25 18.94
N SER B 134 10.35 -14.12 18.17
CA SER B 134 11.69 -14.47 18.66
C SER B 134 12.14 -13.52 19.76
N ALA B 135 12.95 -14.04 20.68
CA ALA B 135 13.44 -13.25 21.82
C ALA B 135 14.23 -12.03 21.36
N ASP B 136 14.86 -12.15 20.20
CA ASP B 136 15.69 -11.07 19.66
C ASP B 136 14.92 -10.13 18.73
N PHE B 137 13.59 -10.27 18.72
CA PHE B 137 12.74 -9.32 18.01
C PHE B 137 12.56 -8.09 18.89
N ALA B 138 13.36 -7.06 18.63
CA ALA B 138 13.36 -5.87 19.47
C ALA B 138 13.34 -4.59 18.65
N PRO B 139 12.30 -4.41 17.81
CA PRO B 139 12.20 -3.22 16.96
C PRO B 139 12.18 -1.93 17.78
N LYS B 140 11.63 -2.02 18.98
CA LYS B 140 11.60 -0.88 19.90
C LYS B 140 13.01 -0.42 20.23
N LEU B 141 13.96 -1.37 20.26
CA LEU B 141 15.35 -1.05 20.54
C LEU B 141 16.13 -0.87 19.25
N GLY B 142 15.42 -0.86 18.12
CA GLY B 142 16.03 -0.65 16.82
C GLY B 142 16.75 -1.86 16.25
N ARG B 143 16.39 -3.07 16.68
CA ARG B 143 17.02 -4.27 16.14
C ARG B 143 16.03 -5.43 15.92
N VAL B 144 16.12 -6.03 14.74
CA VAL B 144 15.36 -7.24 14.40
C VAL B 144 16.25 -8.15 13.56
N GLN B 145 16.03 -9.46 13.64
CA GLN B 145 16.82 -10.42 12.90
C GLN B 145 16.01 -11.03 11.75
N PHE B 146 16.72 -11.34 10.67
CA PHE B 146 16.11 -11.88 9.44
C PHE B 146 16.76 -13.19 9.05
N GLU B 147 15.95 -14.22 8.81
CA GLU B 147 16.44 -15.48 8.28
C GLU B 147 16.44 -15.47 6.76
N THR B 148 17.64 -15.44 6.17
CA THR B 148 17.80 -15.38 4.72
C THR B 148 18.35 -16.69 4.19
N ASP B 149 18.51 -16.75 2.87
CA ASP B 149 19.11 -17.89 2.19
C ASP B 149 20.53 -17.60 1.68
N THR B 150 21.13 -16.53 2.18
CA THR B 150 22.51 -16.18 1.83
C THR B 150 23.33 -15.88 3.08
N ASP B 151 24.60 -16.26 3.06
CA ASP B 151 25.51 -16.03 4.18
C ASP B 151 26.60 -15.00 3.85
N HIS B 152 26.47 -14.32 2.72
CA HIS B 152 27.52 -13.39 2.30
C HIS B 152 27.08 -12.17 1.46
N ASP B 153 25.97 -12.26 0.73
CA ASP B 153 25.69 -11.27 -0.31
C ASP B 153 25.46 -9.86 0.24
N PHE B 154 24.82 -9.74 1.41
CA PHE B 154 24.51 -8.44 1.97
C PHE B 154 25.74 -7.75 2.54
N GLU B 155 25.97 -6.53 2.09
CA GLU B 155 27.09 -5.71 2.56
C GLU B 155 26.68 -4.97 3.84
N ALA B 156 27.67 -4.67 4.69
CA ALA B 156 27.41 -3.89 5.90
C ALA B 156 27.30 -2.41 5.55
N ASN B 157 26.69 -1.65 6.46
CA ASN B 157 26.67 -0.20 6.36
C ASN B 157 26.09 0.31 5.03
N GLN B 158 25.12 -0.42 4.50
CA GLN B 158 24.36 0.01 3.32
C GLN B 158 22.87 0.01 3.64
N ASN B 159 22.11 0.91 3.01
CA ASN B 159 20.67 0.95 3.22
C ASN B 159 20.01 -0.36 2.79
N THR B 160 19.26 -0.95 3.72
CA THR B 160 18.60 -2.23 3.49
C THR B 160 17.12 -2.17 3.88
N LYS B 161 16.27 -2.65 2.99
CA LYS B 161 14.82 -2.65 3.20
C LYS B 161 14.21 -4.05 3.23
N PHE B 162 13.26 -4.26 4.13
CA PHE B 162 12.43 -5.46 4.13
C PHE B 162 11.02 -5.13 3.66
N THR B 163 10.60 -5.79 2.59
CA THR B 163 9.23 -5.69 2.08
C THR B 163 8.49 -6.97 2.42
N PRO B 164 7.41 -6.87 3.21
CA PRO B 164 6.66 -8.08 3.56
C PRO B 164 5.82 -8.60 2.39
N VAL B 165 5.69 -9.92 2.29
CA VAL B 165 4.89 -10.54 1.25
C VAL B 165 3.80 -11.41 1.89
N GLY B 166 4.19 -12.25 2.84
CA GLY B 166 3.24 -13.10 3.53
C GLY B 166 3.78 -13.74 4.80
N VAL B 167 3.18 -14.87 5.17
CA VAL B 167 3.55 -15.60 6.38
C VAL B 167 3.80 -17.08 6.08
N ILE B 168 4.47 -17.76 7.00
CA ILE B 168 4.78 -19.18 6.84
C ILE B 168 4.51 -19.96 8.14
N GLN B 169 4.34 -21.27 7.99
CA GLN B 169 4.06 -22.16 9.12
C GLN B 169 4.93 -23.42 9.09
N ASP B 170 5.29 -23.92 10.27
CA ASP B 170 6.07 -25.15 10.36
C ASP B 170 5.13 -26.35 10.24
N GLY B 171 5.18 -27.02 9.09
CA GLY B 171 4.24 -28.10 8.81
C GLY B 171 4.47 -29.37 9.59
N SER B 172 5.56 -29.44 10.35
CA SER B 172 5.84 -30.61 11.18
C SER B 172 4.97 -30.56 12.43
N THR B 173 4.38 -29.41 12.67
CA THR B 173 3.51 -29.18 13.82
C THR B 173 2.04 -29.13 13.39
N THR B 174 1.17 -28.68 14.29
CA THR B 174 -0.26 -28.63 14.02
C THR B 174 -0.57 -27.51 13.04
N HIS B 175 -1.40 -27.81 12.04
CA HIS B 175 -1.64 -26.85 10.96
C HIS B 175 -2.44 -25.64 11.44
N ARG B 176 -2.04 -24.48 10.94
CA ARG B 176 -2.69 -23.19 11.22
C ARG B 176 -2.52 -22.80 12.69
N ASN B 177 -1.49 -23.35 13.33
CA ASN B 177 -1.14 -22.99 14.70
C ASN B 177 -0.38 -21.66 14.74
N GLU B 178 0.10 -21.24 13.58
CA GLU B 178 0.81 -19.98 13.43
C GLU B 178 0.52 -19.39 12.05
N PRO B 179 0.59 -18.05 11.92
CA PRO B 179 0.87 -17.07 12.97
C PRO B 179 -0.31 -16.88 13.93
N GLN B 180 -0.09 -16.16 15.01
CA GLN B 180 -1.12 -15.87 16.00
C GLN B 180 -1.42 -14.37 15.97
N GLN B 181 -2.47 -13.99 15.26
CA GLN B 181 -2.75 -12.59 14.96
C GLN B 181 -3.08 -11.74 16.21
N TRP B 182 -3.66 -12.35 17.23
CA TRP B 182 -4.07 -11.62 18.42
C TRP B 182 -3.05 -11.65 19.57
N VAL B 183 -1.86 -12.20 19.31
CA VAL B 183 -0.78 -12.18 20.28
C VAL B 183 0.23 -11.09 19.96
N LEU B 184 0.33 -10.11 20.86
CA LEU B 184 1.28 -9.00 20.69
C LEU B 184 2.74 -9.42 20.88
N PRO B 185 3.63 -8.99 19.97
CA PRO B 185 5.07 -9.21 20.17
C PRO B 185 5.62 -8.41 21.34
N SER B 186 6.74 -8.86 21.90
CA SER B 186 7.50 -8.07 22.86
C SER B 186 8.42 -7.15 22.08
N TYR B 187 8.00 -5.90 21.91
CA TYR B 187 8.67 -4.97 21.02
C TYR B 187 10.12 -4.69 21.41
N SER B 188 10.45 -4.85 22.70
CA SER B 188 11.82 -4.66 23.18
C SER B 188 12.54 -5.99 23.45
N GLY B 189 12.02 -7.08 22.92
CA GLY B 189 12.62 -8.40 23.14
C GLY B 189 11.97 -9.16 24.28
N ARG B 190 12.41 -10.40 24.51
CA ARG B 190 11.79 -11.26 25.51
C ARG B 190 12.00 -10.73 26.93
N ASN B 191 11.06 -11.04 27.81
CA ASN B 191 11.11 -10.61 29.21
C ASN B 191 11.13 -9.09 29.37
N THR B 192 10.52 -8.40 28.41
CA THR B 192 10.34 -6.96 28.49
C THR B 192 8.86 -6.62 28.31
N HIS B 193 8.44 -5.52 28.89
CA HIS B 193 7.04 -5.09 28.84
C HIS B 193 6.84 -4.00 27.81
N ASN B 194 5.85 -4.19 26.94
CA ASN B 194 5.51 -3.19 25.94
C ASN B 194 4.96 -1.92 26.61
N VAL B 195 5.13 -0.80 25.93
CA VAL B 195 4.76 0.50 26.49
C VAL B 195 3.95 1.33 25.49
N HIS B 196 3.15 2.24 26.03
CA HIS B 196 2.35 3.16 25.22
C HIS B 196 1.45 2.43 24.21
N LEU B 197 0.89 1.29 24.64
CA LEU B 197 0.02 0.51 23.78
C LEU B 197 -1.34 1.17 23.57
N ALA B 198 -1.89 0.98 22.38
CA ALA B 198 -3.30 1.20 22.17
C ALA B 198 -4.04 0.20 23.05
N PRO B 199 -5.16 0.63 23.67
CA PRO B 199 -5.80 -0.26 24.63
C PRO B 199 -6.47 -1.46 23.97
N ALA B 200 -6.62 -2.54 24.73
CA ALA B 200 -7.39 -3.68 24.26
C ALA B 200 -8.84 -3.26 24.16
N VAL B 201 -9.57 -3.84 23.21
CA VAL B 201 -10.98 -3.54 23.04
C VAL B 201 -11.79 -4.80 23.29
N ALA B 202 -12.92 -4.65 23.97
CA ALA B 202 -13.84 -5.76 24.14
C ALA B 202 -15.27 -5.25 24.15
N PRO B 203 -16.20 -6.00 23.52
CA PRO B 203 -17.62 -5.64 23.62
C PRO B 203 -18.16 -5.78 25.04
N THR B 204 -18.94 -4.80 25.49
CA THR B 204 -19.54 -4.82 26.82
C THR B 204 -21.03 -5.09 26.72
N PHE B 205 -21.65 -4.52 25.68
CA PHE B 205 -23.10 -4.58 25.55
C PHE B 205 -23.55 -6.00 25.18
N PRO B 206 -24.61 -6.50 25.83
CA PRO B 206 -25.05 -7.88 25.57
C PRO B 206 -25.49 -8.12 24.13
N GLY B 207 -25.15 -9.29 23.61
CA GLY B 207 -25.51 -9.68 22.26
C GLY B 207 -24.65 -9.05 21.19
N GLU B 208 -23.59 -8.35 21.59
CA GLU B 208 -22.71 -7.69 20.64
C GLU B 208 -21.37 -8.40 20.50
N GLN B 209 -20.90 -8.47 19.25
CA GLN B 209 -19.58 -8.98 18.93
C GLN B 209 -18.86 -7.93 18.11
N LEU B 210 -17.54 -8.01 18.07
CA LEU B 210 -16.75 -7.14 17.22
C LEU B 210 -17.03 -7.43 15.74
N LEU B 211 -17.02 -6.38 14.92
CA LEU B 211 -17.02 -6.55 13.48
C LEU B 211 -15.59 -6.41 12.99
N PHE B 212 -15.09 -7.44 12.32
CA PHE B 212 -13.71 -7.49 11.87
C PHE B 212 -13.60 -7.25 10.38
N PHE B 213 -12.63 -6.44 10.00
CA PHE B 213 -12.32 -6.22 8.59
C PHE B 213 -11.22 -7.20 8.21
N ARG B 214 -11.61 -8.22 7.44
CA ARG B 214 -10.80 -9.41 7.28
C ARG B 214 -10.12 -9.53 5.91
N SER B 215 -8.86 -9.94 5.95
CA SER B 215 -8.09 -10.24 4.76
C SER B 215 -7.47 -11.62 4.91
N THR B 216 -6.98 -12.17 3.79
CA THR B 216 -6.26 -13.42 3.81
C THR B 216 -4.81 -13.17 3.41
N MET B 217 -3.91 -13.22 4.39
CA MET B 217 -2.50 -13.02 4.13
C MET B 217 -2.00 -14.11 3.19
N PRO B 218 -1.12 -13.76 2.24
CA PRO B 218 -0.53 -14.82 1.43
C PRO B 218 0.31 -15.78 2.27
N GLY B 219 0.25 -17.07 1.95
CA GLY B 219 1.07 -18.06 2.60
C GLY B 219 2.24 -18.38 1.69
N CYS B 220 3.45 -18.42 2.26
CA CYS B 220 4.65 -18.63 1.46
C CYS B 220 5.28 -20.00 1.75
N SER B 221 4.85 -20.65 2.82
CA SER B 221 5.33 -21.99 3.14
C SER B 221 4.52 -22.62 4.27
N GLY B 222 4.26 -23.92 4.17
CA GLY B 222 3.61 -24.66 5.24
C GLY B 222 2.09 -24.52 5.24
N TYR B 223 1.51 -24.58 6.44
CA TYR B 223 0.06 -24.52 6.63
C TYR B 223 -0.30 -23.43 7.62
N PRO B 224 -0.11 -22.16 7.23
CA PRO B 224 -0.35 -21.05 8.15
C PRO B 224 -1.80 -20.64 8.32
N ASN B 225 -2.12 -20.05 9.47
CA ASN B 225 -3.39 -19.36 9.66
C ASN B 225 -3.28 -18.00 9.00
N MET B 226 -3.96 -17.83 7.87
CA MET B 226 -3.79 -16.65 7.04
C MET B 226 -4.86 -15.59 7.28
N ASP B 227 -5.74 -15.82 8.24
CA ASP B 227 -6.77 -14.84 8.59
C ASP B 227 -6.15 -13.65 9.33
N LEU B 228 -6.46 -12.45 8.85
CA LEU B 228 -6.02 -11.22 9.49
C LEU B 228 -7.17 -10.24 9.65
N ASP B 229 -7.48 -9.93 10.90
CA ASP B 229 -8.58 -9.04 11.22
C ASP B 229 -8.07 -7.71 11.78
N CYS B 230 -8.49 -6.61 11.15
CA CYS B 230 -8.22 -5.28 11.68
C CYS B 230 -9.52 -4.62 12.15
N LEU B 231 -9.41 -3.80 13.20
CA LEU B 231 -10.57 -3.11 13.74
C LEU B 231 -11.06 -1.99 12.82
N LEU B 232 -10.11 -1.36 12.14
CA LEU B 232 -10.40 -0.27 11.21
C LEU B 232 -9.73 -0.52 9.86
N PRO B 233 -10.46 -0.33 8.75
CA PRO B 233 -9.77 -0.31 7.46
C PRO B 233 -8.77 0.83 7.40
N GLN B 234 -7.68 0.63 6.67
CA GLN B 234 -6.61 1.62 6.61
C GLN B 234 -7.14 2.95 6.08
N GLU B 235 -8.07 2.88 5.14
CA GLU B 235 -8.66 4.09 4.56
C GLU B 235 -9.44 4.91 5.59
N TRP B 236 -10.07 4.24 6.55
CA TRP B 236 -10.79 4.94 7.62
C TRP B 236 -9.81 5.70 8.51
N VAL B 237 -8.67 5.07 8.78
CA VAL B 237 -7.60 5.71 9.56
C VAL B 237 -7.13 6.99 8.87
N GLN B 238 -6.86 6.89 7.57
CA GLN B 238 -6.45 8.04 6.78
C GLN B 238 -7.53 9.12 6.76
N TYR B 239 -8.78 8.68 6.63
CA TYR B 239 -9.92 9.57 6.53
C TYR B 239 -10.15 10.38 7.82
N PHE B 240 -10.20 9.69 8.95
CA PHE B 240 -10.40 10.37 10.23
C PHE B 240 -9.27 11.34 10.53
N TYR B 241 -8.05 10.95 10.17
CA TYR B 241 -6.89 11.79 10.40
C TYR B 241 -7.01 13.09 9.61
N GLN B 242 -7.48 12.98 8.38
CA GLN B 242 -7.68 14.13 7.51
C GLN B 242 -8.86 14.99 7.98
N GLU B 243 -10.01 14.37 8.17
CA GLU B 243 -11.22 15.11 8.57
C GLU B 243 -11.09 15.66 9.99
N ALA B 244 -10.63 14.81 10.91
CA ALA B 244 -10.46 15.17 12.30
C ALA B 244 -11.73 15.79 12.87
N ALA B 245 -12.87 15.17 12.56
CA ALA B 245 -14.15 15.64 13.07
C ALA B 245 -14.34 15.21 14.53
N PRO B 246 -14.55 16.16 15.45
CA PRO B 246 -14.73 15.77 16.84
C PRO B 246 -15.98 14.90 17.03
N ALA B 247 -15.94 13.97 17.97
CA ALA B 247 -17.05 13.06 18.20
C ALA B 247 -18.06 13.69 19.17
N GLN B 248 -19.29 13.81 18.71
CA GLN B 248 -20.36 14.37 19.53
C GLN B 248 -20.74 13.43 20.67
N SER B 249 -20.65 12.13 20.42
CA SER B 249 -20.96 11.13 21.45
C SER B 249 -19.99 9.94 21.40
N ASP B 250 -20.22 8.97 22.28
CA ASP B 250 -19.36 7.80 22.40
C ASP B 250 -19.36 6.92 21.17
N VAL B 251 -20.50 6.91 20.46
CA VAL B 251 -20.69 5.98 19.35
C VAL B 251 -21.31 6.63 18.12
N ALA B 252 -20.72 6.31 16.97
CA ALA B 252 -21.27 6.70 15.68
C ALA B 252 -22.04 5.53 15.09
N LEU B 253 -23.36 5.68 14.99
CA LEU B 253 -24.20 4.63 14.42
C LEU B 253 -23.99 4.60 12.90
N LEU B 254 -23.61 3.44 12.38
CA LEU B 254 -23.38 3.28 10.95
C LEU B 254 -24.40 2.33 10.34
N ARG B 255 -24.80 2.61 9.10
CA ARG B 255 -25.66 1.71 8.34
C ARG B 255 -24.96 1.27 7.06
N PHE B 256 -25.03 -0.03 6.79
CA PHE B 256 -24.44 -0.61 5.59
C PHE B 256 -25.51 -0.74 4.51
N VAL B 257 -25.31 -0.03 3.40
CA VAL B 257 -26.36 0.12 2.38
C VAL B 257 -26.13 -0.76 1.16
N ASN B 258 -27.22 -1.27 0.60
CA ASN B 258 -27.18 -2.10 -0.60
C ASN B 258 -27.73 -1.33 -1.79
N PRO B 259 -26.85 -0.97 -2.73
CA PRO B 259 -27.28 -0.20 -3.92
C PRO B 259 -28.24 -0.98 -4.82
N ASP B 260 -28.07 -2.29 -4.88
CA ASP B 260 -28.89 -3.13 -5.76
C ASP B 260 -30.36 -3.22 -5.33
N THR B 261 -30.59 -3.25 -4.02
CA THR B 261 -31.94 -3.31 -3.48
C THR B 261 -32.37 -1.99 -2.85
N GLY B 262 -31.40 -1.19 -2.41
CA GLY B 262 -31.68 0.11 -1.81
C GLY B 262 -31.89 0.07 -0.31
N ARG B 263 -31.99 -1.11 0.26
CA ARG B 263 -32.32 -1.27 1.67
C ARG B 263 -31.08 -1.37 2.55
N VAL B 264 -31.27 -1.20 3.85
CA VAL B 264 -30.17 -1.34 4.81
C VAL B 264 -30.01 -2.80 5.21
N LEU B 265 -28.86 -3.38 4.88
CA LEU B 265 -28.58 -4.78 5.19
C LEU B 265 -28.41 -4.98 6.69
N PHE B 266 -27.54 -4.17 7.30
CA PHE B 266 -27.30 -4.24 8.73
C PHE B 266 -26.79 -2.90 9.24
N GLU B 267 -26.81 -2.74 10.56
CA GLU B 267 -26.30 -1.54 11.21
C GLU B 267 -25.26 -1.95 12.26
N CYS B 268 -24.34 -1.03 12.57
CA CYS B 268 -23.26 -1.33 13.49
C CYS B 268 -22.88 -0.09 14.30
N LYS B 269 -22.13 -0.31 15.38
CA LYS B 269 -21.68 0.77 16.24
C LYS B 269 -20.21 1.05 16.00
N LEU B 270 -19.89 2.23 15.48
CA LEU B 270 -18.50 2.65 15.38
C LEU B 270 -18.14 3.46 16.62
N HIS B 271 -17.39 2.83 17.52
CA HIS B 271 -16.98 3.47 18.78
C HIS B 271 -15.91 4.52 18.50
N LYS B 272 -16.01 5.63 19.21
CA LYS B 272 -15.22 6.81 18.91
C LYS B 272 -13.71 6.56 19.12
N SER B 273 -13.38 5.56 19.93
CA SER B 273 -11.98 5.18 20.16
C SER B 273 -11.47 4.28 19.03
N GLY B 274 -12.35 3.97 18.08
CA GLY B 274 -11.94 3.29 16.86
C GLY B 274 -12.09 1.77 16.80
N TYR B 275 -13.32 1.28 16.97
CA TYR B 275 -13.63 -0.11 16.67
C TYR B 275 -15.12 -0.28 16.43
N VAL B 276 -15.50 -1.42 15.85
CA VAL B 276 -16.88 -1.64 15.42
C VAL B 276 -17.49 -2.86 16.08
N THR B 277 -18.75 -2.72 16.49
CA THR B 277 -19.50 -3.83 17.08
C THR B 277 -20.83 -4.02 16.35
N VAL B 278 -21.30 -5.27 16.29
CA VAL B 278 -22.58 -5.59 15.67
C VAL B 278 -23.35 -6.50 16.61
N ALA B 279 -24.67 -6.54 16.46
CA ALA B 279 -25.50 -7.43 17.27
C ALA B 279 -25.62 -8.79 16.60
N HIS B 280 -24.73 -9.71 16.99
CA HIS B 280 -24.78 -11.08 16.52
C HIS B 280 -24.12 -11.99 17.56
N THR B 281 -24.53 -13.26 17.58
CA THR B 281 -23.91 -14.25 18.44
C THR B 281 -23.42 -15.44 17.62
N GLY B 282 -22.11 -15.68 17.69
CA GLY B 282 -21.48 -16.79 17.00
C GLY B 282 -20.56 -16.35 15.88
N GLN B 283 -19.81 -17.29 15.33
CA GLN B 283 -18.91 -17.01 14.21
C GLN B 283 -19.68 -16.87 12.90
N HIS B 284 -19.46 -15.76 12.20
CA HIS B 284 -20.16 -15.50 10.95
C HIS B 284 -19.32 -14.70 9.95
N ASP B 285 -19.28 -15.18 8.72
CA ASP B 285 -18.73 -14.41 7.61
C ASP B 285 -19.87 -13.65 6.97
N LEU B 286 -19.79 -12.32 6.93
CA LEU B 286 -20.89 -11.53 6.37
C LEU B 286 -20.92 -11.67 4.86
N VAL B 287 -22.11 -11.94 4.32
CA VAL B 287 -22.32 -12.00 2.88
C VAL B 287 -22.92 -10.67 2.45
N ILE B 288 -22.13 -9.88 1.72
CA ILE B 288 -22.50 -8.52 1.39
C ILE B 288 -22.61 -8.28 -0.11
N PRO B 289 -23.41 -7.29 -0.51
CA PRO B 289 -23.34 -6.82 -1.90
C PRO B 289 -21.96 -6.19 -2.14
N PRO B 290 -21.27 -6.57 -3.23
CA PRO B 290 -19.89 -6.10 -3.42
C PRO B 290 -19.81 -4.59 -3.64
N ASN B 291 -20.91 -3.97 -4.06
CA ASN B 291 -20.99 -2.52 -4.21
C ASN B 291 -21.52 -1.83 -2.96
N GLY B 292 -21.71 -2.60 -1.89
CA GLY B 292 -22.18 -2.07 -0.62
C GLY B 292 -21.14 -1.20 0.05
N TYR B 293 -21.61 -0.32 0.95
CA TYR B 293 -20.74 0.65 1.63
C TYR B 293 -21.35 1.08 2.95
N PHE B 294 -20.51 1.66 3.81
CA PHE B 294 -20.97 2.16 5.11
C PHE B 294 -21.38 3.62 5.00
N ARG B 295 -22.37 4.01 5.82
CA ARG B 295 -22.84 5.38 5.89
C ARG B 295 -23.10 5.76 7.33
N PHE B 296 -22.55 6.90 7.75
CA PHE B 296 -22.77 7.40 9.10
C PHE B 296 -24.11 8.12 9.17
N ASP B 297 -24.98 7.65 10.05
CA ASP B 297 -26.35 8.18 10.14
C ASP B 297 -26.57 9.07 11.37
N SER B 298 -26.04 8.66 12.52
CA SER B 298 -26.35 9.37 13.76
C SER B 298 -25.32 9.16 14.86
N TRP B 299 -25.18 10.17 15.71
CA TRP B 299 -24.44 10.04 16.97
C TRP B 299 -25.34 9.43 18.02
N VAL B 300 -24.91 8.31 18.59
CA VAL B 300 -25.66 7.65 19.65
C VAL B 300 -24.77 7.29 20.84
N ASN B 301 -25.39 6.98 21.96
CA ASN B 301 -24.64 6.60 23.16
C ASN B 301 -24.25 5.12 23.07
N GLN B 302 -23.42 4.68 24.00
CA GLN B 302 -22.85 3.33 23.96
C GLN B 302 -23.87 2.20 24.11
N PHE B 303 -25.01 2.50 24.74
CA PHE B 303 -25.97 1.47 25.12
C PHE B 303 -27.21 1.48 24.23
N TYR B 304 -27.05 2.03 23.03
CA TYR B 304 -28.06 1.93 21.99
C TYR B 304 -28.20 0.47 21.61
N THR B 305 -29.41 0.03 21.28
CA THR B 305 -29.65 -1.37 20.94
C THR B 305 -29.69 -1.57 19.42
N LEU B 306 -28.68 -2.25 18.89
CA LEU B 306 -28.58 -2.54 17.46
C LEU B 306 -29.60 -3.58 17.04
N ALA B 307 -30.08 -3.47 15.81
CA ALA B 307 -30.89 -4.52 15.20
C ALA B 307 -30.02 -5.75 14.93
N PRO B 308 -30.50 -6.95 15.30
CA PRO B 308 -29.71 -8.17 15.04
C PRO B 308 -29.37 -8.38 13.57
N MET B 309 -28.15 -8.84 13.32
CA MET B 309 -27.70 -9.19 11.97
C MET B 309 -27.30 -10.65 11.88
C1 GLA C . 7.86 -26.77 3.74
C2 GLA C . 8.49 -26.34 2.44
C3 GLA C . 9.71 -27.18 2.17
C4 GLA C . 10.63 -27.11 3.38
C5 GLA C . 9.86 -27.51 4.60
C6 GLA C . 10.76 -27.50 5.83
O1 GLA C . 7.48 -28.12 3.67
O2 GLA C . 7.57 -26.54 1.38
O3 GLA C . 10.38 -26.68 1.02
O4 GLA C . 11.12 -25.78 3.52
O5 GLA C . 8.77 -26.61 4.81
O6 GLA C . 10.04 -28.00 6.95
C1 FUC C . 6.44 -25.70 1.32
C2 FUC C . 5.94 -25.58 -0.13
C3 FUC C . 5.26 -26.88 -0.58
C4 FUC C . 4.14 -27.22 0.39
C5 FUC C . 4.70 -27.32 1.81
C6 FUC C . 3.63 -27.54 2.85
O2 FUC C . 7.00 -25.22 -1.02
O3 FUC C . 4.69 -26.71 -1.87
O4 FUC C . 3.15 -26.20 0.36
O5 FUC C . 5.42 -26.13 2.19
C1 GLA C . 10.67 -27.63 0.03
C2 GLA C . 11.51 -26.89 -0.99
C3 GLA C . 10.63 -26.31 -2.04
C4 GLA C . 9.68 -27.37 -2.58
C5 GLA C . 8.96 -28.02 -1.42
C6 GLA C . 7.97 -29.06 -1.94
O2 GLA C . 12.24 -25.86 -0.35
O3 GLA C . 11.41 -25.80 -3.11
O4 GLA C . 10.42 -28.35 -3.28
O5 GLA C . 9.93 -28.65 -0.59
O6 GLA C . 7.21 -29.60 -0.84
#